data_6BQA
#
_entry.id   6BQA
#
_cell.length_a   24.785
_cell.length_b   34.114
_cell.length_c   39.867
_cell.angle_alpha   70.250
_cell.angle_beta   74.140
_cell.angle_gamma   74.560
#
_symmetry.space_group_name_H-M   'P 1'
#
loop_
_entity.id
_entity.type
_entity.pdbx_description
1 polymer 'Bromodomain-containing protein 9'
2 non-polymer 3-[6-(but-3-en-1-yl)-7-oxo-6,7-dihydro-1H-pyrrolo[2,3-c]pyridin-4-yl]-N,N-dimethylbenzamide
3 water water
#
_entity_poly.entity_id   1
_entity_poly.type   'polypeptide(L)'
_entity_poly.pdbx_seq_one_letter_code
;STPIQQLLEHFLRQLQRKDPHGFFAFPVTDAIAPGYSMIIKHPMDFGTMKDKIVANEYKSVTEFKADFKLMCDNAMTYNR
PDTVYYKLAKKILHAGFKMMSK
;
_entity_poly.pdbx_strand_id   A
#
loop_
_chem_comp.id
_chem_comp.type
_chem_comp.name
_chem_comp.formula
67C non-polymer 3-[6-(but-3-en-1-yl)-7-oxo-6,7-dihydro-1H-pyrrolo[2,3-c]pyridin-4-yl]-N,N-dimethylbenzamide 'C20 H21 N3 O2'
#
# COMPACT_ATOMS: atom_id res chain seq x y z
N SER A 1 -0.13 17.49 14.67
CA SER A 1 0.40 16.92 13.43
C SER A 1 1.78 17.46 13.14
N THR A 2 2.74 16.55 12.96
CA THR A 2 4.11 16.96 12.69
C THR A 2 4.32 17.16 11.19
N PRO A 3 5.39 17.85 10.80
CA PRO A 3 5.70 17.98 9.38
C PRO A 3 5.76 16.65 8.64
N ILE A 4 6.34 15.61 9.26
CA ILE A 4 6.41 14.32 8.57
C ILE A 4 5.01 13.75 8.39
N GLN A 5 4.16 13.83 9.41
CA GLN A 5 2.79 13.33 9.25
C GLN A 5 2.08 14.05 8.11
N GLN A 6 2.28 15.36 8.01
CA GLN A 6 1.64 16.13 6.95
C GLN A 6 2.11 15.68 5.57
N LEU A 7 3.42 15.47 5.40
CA LEU A 7 3.93 15.02 4.12
C LEU A 7 3.41 13.63 3.77
N LEU A 8 3.39 12.73 4.75
CA LEU A 8 2.91 11.38 4.49
C LEU A 8 1.42 11.37 4.15
N GLU A 9 0.62 12.21 4.81
CA GLU A 9 -0.79 12.30 4.43
C GLU A 9 -0.94 12.76 2.98
N HIS A 10 -0.07 13.68 2.55
CA HIS A 10 -0.06 14.14 1.17
C HIS A 10 0.28 13.00 0.21
N PHE A 11 1.37 12.28 0.49
CA PHE A 11 1.73 11.14 -0.36
C PHE A 11 0.61 10.11 -0.40
N LEU A 12 0.02 9.80 0.76
CA LEU A 12 -1.02 8.77 0.78
C LEU A 12 -2.23 9.19 -0.05
N ARG A 13 -2.63 10.46 0.03
CA ARG A 13 -3.72 10.94 -0.80
C ARG A 13 -3.41 10.72 -2.28
N GLN A 14 -2.19 11.07 -2.70
CA GLN A 14 -1.83 10.94 -4.10
C GLN A 14 -1.76 9.49 -4.53
N LEU A 15 -1.27 8.60 -3.65
CA LEU A 15 -1.19 7.19 -3.98
C LEU A 15 -2.58 6.57 -4.11
N GLN A 16 -3.50 6.93 -3.21
CA GLN A 16 -4.83 6.31 -3.23
C GLN A 16 -5.61 6.73 -4.47
N ARG A 17 -5.33 7.91 -5.02
CA ARG A 17 -5.96 8.32 -6.27
C ARG A 17 -5.65 7.35 -7.40
N LYS A 18 -4.52 6.64 -7.31
CA LYS A 18 -4.13 5.67 -8.32
C LYS A 18 -4.82 4.32 -8.17
N ASP A 19 -5.69 4.18 -7.16
CA ASP A 19 -6.45 2.95 -6.91
C ASP A 19 -7.93 3.33 -6.85
N PRO A 20 -8.52 3.72 -7.98
CA PRO A 20 -9.90 4.22 -7.95
C PRO A 20 -10.94 3.18 -7.56
N HIS A 21 -10.68 1.89 -7.77
CA HIS A 21 -11.59 0.84 -7.33
C HIS A 21 -11.45 0.51 -5.84
N GLY A 22 -10.44 1.05 -5.17
CA GLY A 22 -10.24 0.77 -3.76
C GLY A 22 -9.80 -0.65 -3.45
N PHE A 23 -9.13 -1.33 -4.38
CA PHE A 23 -8.66 -2.68 -4.08
C PHE A 23 -7.67 -2.70 -2.92
N PHE A 24 -6.86 -1.64 -2.78
CA PHE A 24 -5.87 -1.51 -1.72
C PHE A 24 -6.41 -0.75 -0.48
N ALA A 25 -7.71 -0.48 -0.42
CA ALA A 25 -8.22 0.43 0.61
C ALA A 25 -8.20 -0.17 2.01
N PHE A 26 -8.41 -1.48 2.13
CA PHE A 26 -8.60 -2.14 3.41
C PHE A 26 -7.87 -3.47 3.44
N PRO A 27 -7.60 -4.01 4.62
CA PRO A 27 -6.96 -5.34 4.67
C PRO A 27 -7.71 -6.37 3.83
N VAL A 28 -6.96 -7.22 3.12
CA VAL A 28 -7.55 -8.31 2.33
C VAL A 28 -8.09 -9.38 3.27
N THR A 29 -9.34 -9.79 3.05
CA THR A 29 -9.92 -10.89 3.83
C THR A 29 -9.75 -12.22 3.11
N ASP A 30 -9.71 -13.30 3.90
CA ASP A 30 -9.62 -14.64 3.32
C ASP A 30 -10.87 -15.00 2.52
N ALA A 31 -12.01 -14.41 2.87
CA ALA A 31 -13.22 -14.66 2.08
C ALA A 31 -13.07 -14.16 0.65
N ILE A 32 -12.42 -13.00 0.48
CA ILE A 32 -12.20 -12.45 -0.86
C ILE A 32 -11.06 -13.19 -1.55
N ALA A 33 -10.02 -13.55 -0.81
CA ALA A 33 -8.79 -14.13 -1.37
C ALA A 33 -8.48 -15.39 -0.56
N PRO A 34 -8.99 -16.54 -0.98
CA PRO A 34 -8.85 -17.76 -0.18
C PRO A 34 -7.41 -18.03 0.25
N GLY A 35 -7.26 -18.36 1.53
CA GLY A 35 -5.97 -18.69 2.11
C GLY A 35 -5.00 -17.54 2.26
N TYR A 36 -5.44 -16.30 2.04
CA TYR A 36 -4.52 -15.17 1.99
C TYR A 36 -3.66 -15.08 3.26
N SER A 37 -4.29 -15.18 4.43
CA SER A 37 -3.58 -14.97 5.69
C SER A 37 -2.52 -16.02 5.96
N MET A 38 -2.60 -17.18 5.32
CA MET A 38 -1.59 -18.21 5.49
C MET A 38 -0.48 -18.12 4.46
N ILE A 39 -0.66 -17.32 3.42
CA ILE A 39 0.35 -17.13 2.39
C ILE A 39 1.15 -15.85 2.64
N ILE A 40 0.46 -14.77 2.99
CA ILE A 40 1.09 -13.46 3.15
C ILE A 40 1.31 -13.22 4.63
N LYS A 41 2.57 -13.18 5.05
CA LYS A 41 2.90 -13.12 6.47
C LYS A 41 2.84 -11.70 7.05
N HIS A 42 2.97 -10.67 6.22
CA HIS A 42 3.00 -9.29 6.68
C HIS A 42 2.06 -8.48 5.81
N PRO A 43 0.75 -8.57 6.05
CA PRO A 43 -0.21 -7.85 5.21
C PRO A 43 -0.09 -6.34 5.37
N MET A 44 -0.45 -5.61 4.31
CA MET A 44 -0.46 -4.16 4.36
C MET A 44 -1.48 -3.64 3.36
N ASP A 45 -1.99 -2.44 3.62
CA ASP A 45 -3.03 -1.81 2.81
C ASP A 45 -3.06 -0.32 3.17
N PHE A 46 -3.72 0.48 2.32
CA PHE A 46 -3.73 1.93 2.52
C PHE A 46 -4.47 2.34 3.80
N GLY A 47 -5.50 1.59 4.21
CA GLY A 47 -6.20 1.94 5.44
C GLY A 47 -5.34 1.76 6.67
N THR A 48 -4.59 0.66 6.72
CA THR A 48 -3.60 0.47 7.78
C THR A 48 -2.54 1.56 7.74
N MET A 49 -2.07 1.93 6.54
CA MET A 49 -1.06 2.98 6.44
C MET A 49 -1.58 4.30 7.00
N LYS A 50 -2.84 4.67 6.70
CA LYS A 50 -3.42 5.87 7.27
C LYS A 50 -3.41 5.82 8.79
N ASP A 51 -3.86 4.70 9.36
CA ASP A 51 -3.86 4.58 10.81
C ASP A 51 -2.45 4.72 11.38
N LYS A 52 -1.46 4.17 10.70
CA LYS A 52 -0.08 4.29 11.17
C LYS A 52 0.42 5.74 11.10
N ILE A 53 0.05 6.49 10.07
CA ILE A 53 0.41 7.91 10.03
C ILE A 53 -0.16 8.63 11.25
N VAL A 54 -1.46 8.45 11.48
CA VAL A 54 -2.13 9.18 12.56
C VAL A 54 -1.56 8.78 13.92
N ALA A 55 -1.19 7.51 14.07
CA ALA A 55 -0.59 7.00 15.29
C ALA A 55 0.87 7.41 15.44
N ASN A 56 1.45 8.08 14.45
CA ASN A 56 2.83 8.56 14.47
C ASN A 56 3.86 7.42 14.42
N GLU A 57 3.54 6.33 13.74
CA GLU A 57 4.45 5.19 13.65
C GLU A 57 5.54 5.39 12.60
N TYR A 58 5.30 6.20 11.57
CA TYR A 58 6.32 6.42 10.54
C TYR A 58 7.21 7.57 10.98
N LYS A 59 8.48 7.27 11.25
CA LYS A 59 9.43 8.30 11.68
C LYS A 59 10.25 8.85 10.53
N SER A 60 10.09 8.29 9.33
CA SER A 60 10.80 8.79 8.15
C SER A 60 10.01 8.40 6.90
N VAL A 61 10.28 9.12 5.81
CA VAL A 61 9.71 8.77 4.53
C VAL A 61 10.12 7.35 4.11
N THR A 62 11.36 6.98 4.44
CA THR A 62 11.84 5.63 4.11
C THR A 62 10.95 4.55 4.70
N GLU A 63 10.56 4.69 5.97
CA GLU A 63 9.68 3.70 6.60
C GLU A 63 8.33 3.63 5.89
N PHE A 64 7.80 4.79 5.49
CA PHE A 64 6.52 4.84 4.79
C PHE A 64 6.60 4.14 3.44
N LYS A 65 7.66 4.45 2.67
CA LYS A 65 7.82 3.83 1.36
C LYS A 65 7.97 2.32 1.47
N ALA A 66 8.59 1.83 2.54
CA ALA A 66 8.74 0.40 2.71
C ALA A 66 7.39 -0.29 2.90
N ASP A 67 6.46 0.34 3.64
CA ASP A 67 5.14 -0.24 3.77
C ASP A 67 4.37 -0.20 2.45
N PHE A 68 4.53 0.89 1.68
CA PHE A 68 3.89 0.93 0.37
C PHE A 68 4.41 -0.20 -0.52
N LYS A 69 5.73 -0.40 -0.54
CA LYS A 69 6.30 -1.47 -1.36
C LYS A 69 5.85 -2.85 -0.86
N LEU A 70 5.79 -3.03 0.46
CA LEU A 70 5.30 -4.29 1.02
C LEU A 70 3.90 -4.61 0.51
N MET A 71 3.02 -3.61 0.53
CA MET A 71 1.66 -3.78 0.03
C MET A 71 1.66 -4.27 -1.42
N CYS A 72 2.50 -3.67 -2.26
CA CYS A 72 2.54 -4.05 -3.68
C CYS A 72 3.19 -5.42 -3.87
N ASP A 73 4.27 -5.68 -3.13
CA ASP A 73 4.94 -6.97 -3.22
C ASP A 73 4.01 -8.11 -2.79
N ASN A 74 3.22 -7.89 -1.74
CA ASN A 74 2.26 -8.93 -1.32
C ASN A 74 1.32 -9.26 -2.46
N ALA A 75 0.84 -8.24 -3.18
CA ALA A 75 -0.10 -8.45 -4.27
C ALA A 75 0.56 -9.21 -5.43
N MET A 76 1.84 -8.97 -5.69
CA MET A 76 2.56 -9.68 -6.73
C MET A 76 3.00 -11.08 -6.31
N THR A 77 2.92 -11.41 -5.03
CA THR A 77 3.18 -12.75 -4.54
C THR A 77 1.92 -13.60 -4.51
N TYR A 78 0.82 -13.05 -4.01
CA TYR A 78 -0.41 -13.83 -3.85
C TYR A 78 -1.11 -14.06 -5.18
N ASN A 79 -1.17 -13.03 -6.03
CA ASN A 79 -1.92 -13.08 -7.28
C ASN A 79 -1.01 -13.48 -8.44
N ARG A 80 -1.60 -14.15 -9.45
CA ARG A 80 -0.88 -14.50 -10.67
C ARG A 80 -0.69 -13.27 -11.56
N PRO A 81 0.34 -13.27 -12.40
CA PRO A 81 0.62 -12.08 -13.23
C PRO A 81 -0.52 -11.63 -14.12
N ASP A 82 -1.37 -12.55 -14.59
CA ASP A 82 -2.42 -12.15 -15.54
C ASP A 82 -3.68 -11.60 -14.88
N THR A 83 -3.63 -11.22 -13.61
CA THR A 83 -4.81 -10.75 -12.89
C THR A 83 -4.83 -9.24 -12.79
N VAL A 84 -6.04 -8.70 -12.59
CA VAL A 84 -6.21 -7.26 -12.40
C VAL A 84 -5.37 -6.78 -11.22
N TYR A 85 -5.32 -7.58 -10.16
CA TYR A 85 -4.70 -7.17 -8.90
C TYR A 85 -3.18 -7.12 -9.02
N TYR A 86 -2.58 -8.13 -9.64
CA TYR A 86 -1.15 -8.10 -9.91
C TYR A 86 -0.80 -6.90 -10.78
N LYS A 87 -1.54 -6.70 -11.87
CA LYS A 87 -1.21 -5.63 -12.80
C LYS A 87 -1.25 -4.27 -12.12
N LEU A 88 -2.27 -4.02 -11.30
CA LEU A 88 -2.35 -2.73 -10.62
C LEU A 88 -1.19 -2.56 -9.63
N ALA A 89 -0.85 -3.62 -8.91
CA ALA A 89 0.25 -3.54 -7.95
C ALA A 89 1.55 -3.14 -8.63
N LYS A 90 1.86 -3.75 -9.77
CA LYS A 90 3.10 -3.41 -10.48
C LYS A 90 3.05 -1.97 -10.97
N LYS A 91 1.92 -1.58 -11.56
CA LYS A 91 1.76 -0.22 -12.09
C LYS A 91 1.92 0.82 -10.98
N ILE A 92 1.21 0.65 -9.86
CA ILE A 92 1.19 1.65 -8.80
C ILE A 92 2.52 1.69 -8.05
N LEU A 93 3.20 0.53 -7.93
CA LEU A 93 4.51 0.52 -7.28
C LEU A 93 5.48 1.44 -8.00
N HIS A 94 5.57 1.28 -9.32
CA HIS A 94 6.53 2.08 -10.08
C HIS A 94 6.09 3.54 -10.12
N ALA A 95 4.81 3.79 -10.37
CA ALA A 95 4.35 5.18 -10.46
C ALA A 95 4.43 5.87 -9.10
N GLY A 96 4.16 5.13 -8.03
CA GLY A 96 4.18 5.73 -6.69
C GLY A 96 5.58 6.11 -6.24
N PHE A 97 6.57 5.24 -6.49
CA PHE A 97 7.94 5.61 -6.17
C PHE A 97 8.39 6.83 -6.99
N LYS A 98 8.02 6.89 -8.26
CA LYS A 98 8.37 8.06 -9.07
C LYS A 98 7.74 9.32 -8.51
N MET A 99 6.46 9.25 -8.12
CA MET A 99 5.77 10.42 -7.58
C MET A 99 6.44 10.91 -6.31
N MET A 100 6.89 10.01 -5.45
CA MET A 100 7.49 10.39 -4.18
C MET A 100 8.93 10.88 -4.31
N SER A 101 9.54 10.72 -5.48
CA SER A 101 10.92 11.16 -5.70
C SER A 101 11.01 12.53 -6.36
N LYS A 102 10.04 12.92 -7.16
CA LYS A 102 10.14 14.13 -7.97
C LYS A 102 9.96 15.41 -7.17
C1 67C B . -14.20 -7.36 -6.95
N1 67C B . -6.02 -7.39 -3.06
O1 67C B . -4.47 -8.99 -3.63
C2 67C B . -12.90 -6.42 -5.14
N2 67C B . -6.75 -10.63 -4.74
C3 67C B . -11.95 -6.61 -4.00
C4 67C B . -10.67 -7.14 -4.21
C5 67C B . -9.76 -7.20 -3.17
C6 67C B . -10.12 -6.74 -1.91
C7 67C B . -11.38 -6.22 -1.69
C8 67C B . -12.30 -6.16 -2.74
C9 67C B . -8.37 -7.71 -3.39
C10 67C B . -7.33 -6.99 -2.93
C15 67C B . -5.65 -8.64 -3.62
C11 67C B . -4.92 -6.54 -2.55
C12 67C B . -4.08 -5.95 -3.68
C13 67C B . -4.84 -4.99 -4.53
C14 67C B . -4.73 -4.85 -5.84
C16 67C B . -6.73 -9.40 -4.12
C19 67C B . -8.03 -10.98 -5.04
C18 67C B . -8.88 -9.99 -4.63
C17 67C B . -8.07 -8.97 -4.06
O 67C B . -13.32 -5.31 -5.39
N 67C B . -13.32 -7.51 -5.81
C 67C B . -13.04 -8.90 -5.44
H1 67C B . -14.39 -8.31 -7.44
H2 67C B . -15.17 -6.94 -6.67
H3 67C B . -13.79 -6.69 -7.70
H4 67C B . -5.90 -11.17 -4.93
H5 67C B . -10.40 -7.53 -5.20
H6 67C B . -9.41 -6.77 -1.08
H7 67C B . -11.67 -5.85 -0.70
H8 67C B . -13.30 -5.76 -2.56
H9 67C B . -7.49 -6.04 -2.43
H10 67C B . -4.31 -7.13 -1.88
H11 67C B . -5.35 -5.76 -1.93
H12 67C B . -3.20 -5.45 -3.26
H13 67C B . -3.67 -6.75 -4.30
H14 67C B . -5.55 -4.36 -3.99
H15 67C B . -5.31 -4.13 -6.42
H16 67C B . -4.04 -5.42 -6.45
H17 67C B . -8.27 -11.92 -5.53
H18 67C B . -9.96 -9.97 -4.73
H19 67C B . -12.67 -8.98 -4.42
H20 67C B . -12.27 -9.33 -6.08
H21 67C B . -13.93 -9.52 -5.51
#